data_2PE6
#
_entry.id   2PE6
#
_cell.length_a   86.700
_cell.length_b   38.600
_cell.length_c   83.400
_cell.angle_alpha   90.00
_cell.angle_beta   90.00
_cell.angle_gamma   90.00
#
_symmetry.space_group_name_H-M   'P 21 21 2'
#
loop_
_entity.id
_entity.type
_entity.pdbx_description
1 polymer 'SUMO-conjugating enzyme UBC9'
2 polymer 'Small ubiquitin-related modifier 1'
3 water water
#
loop_
_entity_poly.entity_id
_entity_poly.type
_entity_poly.pdbx_seq_one_letter_code
_entity_poly.pdbx_strand_id
1 'polypeptide(L)'
;GSHMSGIALSRLAQERKAWRKDHPFGFVAVPTKNPDGTMNLMNWECAIPGKKGTPWEGGLFKLRMLFKDDYPSSPPKCKF
EPPLFHPNVYPSGTVCLSILEEDKDWRPAITIKQILLGIQELLNEPNIQDPAQAEAYTIYCQNRVEYEKRVRAQAKKFAP
S
;
A
2 'polypeptide(L)'
;MSDQEAKPSTEDLGDKKEGEYIKLKVIGQDSSEIHFKVKMTTHLKKLKESYCQRQGVPMNSLRFLFEGQRIADNHTPKEL
GMEEEDVIEVYQEQTGG
;
B
#
# COMPACT_ATOMS: atom_id res chain seq x y z
N GLY A 1 -0.83 -24.09 14.22
CA GLY A 1 -1.85 -23.05 13.93
C GLY A 1 -2.43 -22.43 15.19
N SER A 2 -2.56 -21.09 15.18
CA SER A 2 -3.10 -20.38 16.33
C SER A 2 -4.62 -20.58 16.37
N HIS A 3 -5.06 -21.51 17.21
CA HIS A 3 -6.48 -21.80 17.34
C HIS A 3 -7.16 -20.65 18.07
N MET A 4 -6.39 -19.61 18.36
CA MET A 4 -6.89 -18.45 19.06
C MET A 4 -7.11 -17.31 18.05
N SER A 5 -6.88 -17.61 16.78
CA SER A 5 -7.02 -16.62 15.72
C SER A 5 -8.31 -16.72 14.91
N GLY A 6 -9.24 -17.55 15.36
CA GLY A 6 -10.51 -17.71 14.65
C GLY A 6 -11.21 -16.44 14.21
N ILE A 7 -11.50 -15.54 15.16
CA ILE A 7 -12.17 -14.29 14.82
C ILE A 7 -11.33 -13.37 13.92
N ALA A 8 -10.06 -13.20 14.26
CA ALA A 8 -9.16 -12.35 13.46
C ALA A 8 -9.02 -12.86 12.04
N LEU A 9 -8.70 -14.15 11.88
CA LEU A 9 -8.51 -14.76 10.56
C LEU A 9 -9.75 -14.59 9.71
N SER A 10 -10.91 -14.62 10.36
CA SER A 10 -12.15 -14.45 9.64
C SER A 10 -12.24 -13.02 9.13
N ARG A 11 -12.03 -12.07 10.03
CA ARG A 11 -12.08 -10.63 9.73
C ARG A 11 -11.01 -10.20 8.71
N LEU A 12 -9.82 -10.79 8.81
CA LEU A 12 -8.73 -10.46 7.90
C LEU A 12 -8.98 -11.01 6.50
N ALA A 13 -9.70 -12.13 6.42
CA ALA A 13 -10.03 -12.73 5.13
C ALA A 13 -10.97 -11.83 4.35
N GLN A 14 -11.97 -11.28 5.05
CA GLN A 14 -12.90 -10.41 4.36
C GLN A 14 -12.26 -9.07 4.09
N GLU A 15 -11.29 -8.72 4.93
CA GLU A 15 -10.58 -7.47 4.79
C GLU A 15 -9.80 -7.55 3.46
N ARG A 16 -9.04 -8.62 3.29
CA ARG A 16 -8.27 -8.79 2.06
C ARG A 16 -9.18 -8.80 0.84
N LYS A 17 -10.31 -9.51 0.93
CA LYS A 17 -11.27 -9.60 -0.16
C LYS A 17 -11.78 -8.22 -0.59
N ALA A 18 -12.11 -7.38 0.38
CA ALA A 18 -12.61 -6.03 0.09
C ALA A 18 -11.55 -5.07 -0.50
N TRP A 19 -10.27 -5.31 -0.16
CA TRP A 19 -9.16 -4.50 -0.65
C TRP A 19 -8.88 -4.77 -2.13
N ARG A 20 -8.86 -6.05 -2.50
CA ARG A 20 -8.62 -6.46 -3.88
C ARG A 20 -9.59 -5.78 -4.84
N LYS A 21 -10.88 -5.91 -4.53
CA LYS A 21 -11.92 -5.33 -5.36
C LYS A 21 -11.77 -3.82 -5.48
N ASP A 22 -11.46 -3.16 -4.36
CA ASP A 22 -11.31 -1.71 -4.38
C ASP A 22 -10.40 -1.18 -3.29
N HIS A 23 -9.43 -0.36 -3.70
CA HIS A 23 -8.48 0.26 -2.77
C HIS A 23 -7.89 1.49 -3.45
N PRO A 24 -7.34 2.42 -2.66
CA PRO A 24 -6.73 3.66 -3.17
C PRO A 24 -5.59 3.42 -4.16
N PHE A 25 -5.47 4.32 -5.12
CA PHE A 25 -4.44 4.21 -6.15
C PHE A 25 -3.02 4.42 -5.65
N GLY A 26 -2.13 3.50 -6.02
CA GLY A 26 -0.74 3.60 -5.62
C GLY A 26 -0.40 2.82 -4.39
N PHE A 27 -1.41 2.46 -3.60
CA PHE A 27 -1.21 1.72 -2.36
C PHE A 27 -1.01 0.22 -2.58
N VAL A 28 -0.43 -0.46 -1.59
CA VAL A 28 -0.21 -1.90 -1.66
C VAL A 28 -0.47 -2.51 -0.28
N ALA A 29 -1.19 -3.62 -0.26
CA ALA A 29 -1.49 -4.33 0.99
C ALA A 29 -1.66 -5.80 0.68
N VAL A 30 -0.63 -6.59 0.95
CA VAL A 30 -0.70 -8.01 0.68
C VAL A 30 -0.17 -8.83 1.84
N PRO A 31 -0.86 -9.93 2.17
CA PRO A 31 -0.42 -10.79 3.28
C PRO A 31 0.90 -11.47 2.93
N THR A 32 1.68 -11.83 3.94
CA THR A 32 2.96 -12.50 3.67
C THR A 32 2.73 -14.01 3.63
N LYS A 33 3.70 -14.74 3.08
CA LYS A 33 3.60 -16.19 3.00
C LYS A 33 4.39 -16.87 4.09
N ASN A 34 3.91 -18.02 4.54
CA ASN A 34 4.57 -18.79 5.59
C ASN A 34 5.79 -19.53 5.06
N PRO A 35 6.57 -20.15 5.97
CA PRO A 35 7.79 -20.90 5.61
C PRO A 35 7.66 -21.65 4.27
N ASP A 36 6.53 -22.31 4.09
CA ASP A 36 6.26 -23.07 2.87
C ASP A 36 5.71 -22.15 1.77
N GLY A 37 4.41 -21.89 1.83
CA GLY A 37 3.78 -21.04 0.83
C GLY A 37 2.37 -20.65 1.24
N THR A 38 2.02 -20.95 2.49
CA THR A 38 0.70 -20.63 3.02
C THR A 38 0.58 -19.11 3.21
N MET A 39 -0.63 -18.61 3.05
CA MET A 39 -0.91 -17.17 3.19
C MET A 39 -1.00 -16.81 4.68
N ASN A 40 -0.21 -15.83 5.10
CA ASN A 40 -0.20 -15.39 6.51
C ASN A 40 -0.95 -14.07 6.70
N LEU A 41 -2.25 -14.17 6.96
CA LEU A 41 -3.10 -13.00 7.16
C LEU A 41 -2.77 -12.19 8.41
N MET A 42 -1.88 -12.68 9.26
CA MET A 42 -1.52 -11.98 10.49
C MET A 42 -0.28 -11.09 10.32
N ASN A 43 0.24 -11.04 9.10
CA ASN A 43 1.45 -10.28 8.84
C ASN A 43 1.46 -9.73 7.41
N TRP A 44 1.11 -8.45 7.26
CA TRP A 44 1.06 -7.82 5.94
C TRP A 44 2.19 -6.86 5.60
N GLU A 45 2.58 -6.89 4.34
CA GLU A 45 3.62 -6.00 3.85
C GLU A 45 2.87 -5.01 2.97
N CYS A 46 2.79 -3.77 3.42
CA CYS A 46 2.08 -2.74 2.69
C CYS A 46 2.98 -1.64 2.13
N ALA A 47 2.38 -0.78 1.31
CA ALA A 47 3.10 0.31 0.71
C ALA A 47 2.21 1.53 0.66
N ILE A 48 2.75 2.66 1.10
CA ILE A 48 2.01 3.91 1.09
C ILE A 48 2.70 4.87 0.11
N PRO A 49 1.96 5.36 -0.88
CA PRO A 49 2.59 6.29 -1.82
C PRO A 49 2.51 7.72 -1.30
N GLY A 50 3.55 8.50 -1.56
CA GLY A 50 3.53 9.88 -1.12
C GLY A 50 2.37 10.61 -1.81
N LYS A 51 1.76 11.55 -1.10
CA LYS A 51 0.64 12.32 -1.64
C LYS A 51 1.15 13.39 -2.60
N LYS A 52 0.48 13.53 -3.75
CA LYS A 52 0.87 14.53 -4.74
C LYS A 52 0.76 15.97 -4.26
N GLY A 53 1.61 16.83 -4.80
CA GLY A 53 1.60 18.23 -4.41
C GLY A 53 2.27 18.43 -3.07
N THR A 54 2.93 17.39 -2.58
CA THR A 54 3.63 17.47 -1.31
C THR A 54 5.08 17.02 -1.51
N PRO A 55 5.95 17.39 -0.55
CA PRO A 55 7.35 17.00 -0.68
C PRO A 55 7.55 15.47 -0.65
N TRP A 56 6.51 14.74 -0.24
CA TRP A 56 6.56 13.28 -0.18
C TRP A 56 6.22 12.67 -1.52
N GLU A 57 5.59 13.46 -2.39
CA GLU A 57 5.18 13.00 -3.70
C GLU A 57 6.19 12.13 -4.43
N GLY A 58 5.71 11.07 -5.09
CA GLY A 58 6.59 10.20 -5.85
C GLY A 58 7.34 9.13 -5.07
N GLY A 59 7.26 9.20 -3.75
CA GLY A 59 7.92 8.19 -2.94
C GLY A 59 6.91 7.09 -2.68
N LEU A 60 7.42 5.89 -2.42
CA LEU A 60 6.59 4.73 -2.15
C LEU A 60 7.14 4.07 -0.90
N PHE A 61 6.58 4.47 0.24
CA PHE A 61 7.02 4.00 1.55
C PHE A 61 6.40 2.69 2.07
N LYS A 62 7.29 1.73 2.32
CA LYS A 62 6.93 0.39 2.79
C LYS A 62 6.83 0.25 4.30
N LEU A 63 5.79 -0.46 4.74
CA LEU A 63 5.62 -0.69 6.16
C LEU A 63 4.92 -2.02 6.32
N ARG A 64 5.17 -2.67 7.44
CA ARG A 64 4.56 -3.95 7.71
C ARG A 64 3.43 -3.78 8.73
N MET A 65 2.35 -4.52 8.54
CA MET A 65 1.20 -4.46 9.43
C MET A 65 1.10 -5.80 10.18
N LEU A 66 1.11 -5.74 11.51
CA LEU A 66 1.04 -6.95 12.35
C LEU A 66 -0.24 -7.03 13.18
N PHE A 67 -1.02 -8.09 12.98
CA PHE A 67 -2.26 -8.24 13.73
C PHE A 67 -2.10 -9.27 14.85
N LYS A 68 -2.71 -8.97 16.00
CA LYS A 68 -2.68 -9.84 17.18
C LYS A 68 -3.92 -10.72 17.20
N ASP A 69 -3.90 -11.73 18.05
CA ASP A 69 -5.03 -12.65 18.14
C ASP A 69 -6.36 -11.99 18.45
N ASP A 70 -6.35 -10.93 19.26
CA ASP A 70 -7.60 -10.27 19.64
C ASP A 70 -8.12 -9.27 18.61
N TYR A 71 -7.36 -9.07 17.54
CA TYR A 71 -7.82 -8.18 16.49
C TYR A 71 -9.16 -8.76 16.00
N PRO A 72 -10.13 -7.90 15.63
CA PRO A 72 -10.13 -6.44 15.57
C PRO A 72 -10.45 -5.69 16.87
N SER A 73 -10.43 -6.37 18.01
CA SER A 73 -10.69 -5.69 19.28
C SER A 73 -9.55 -4.69 19.46
N SER A 74 -8.34 -5.16 19.18
CA SER A 74 -7.14 -4.34 19.28
C SER A 74 -6.67 -4.03 17.86
N PRO A 75 -6.03 -2.86 17.68
CA PRO A 75 -5.52 -2.40 16.40
C PRO A 75 -4.22 -3.08 15.99
N PRO A 76 -3.92 -3.09 14.68
CA PRO A 76 -2.67 -3.73 14.26
C PRO A 76 -1.46 -2.85 14.63
N LYS A 77 -0.30 -3.48 14.69
CA LYS A 77 0.93 -2.78 14.98
C LYS A 77 1.47 -2.39 13.61
N CYS A 78 1.76 -1.10 13.43
CA CYS A 78 2.27 -0.62 12.17
C CYS A 78 3.68 -0.13 12.34
N LYS A 79 4.56 -0.54 11.45
CA LYS A 79 5.96 -0.17 11.53
C LYS A 79 6.56 0.02 10.14
N PHE A 80 7.07 1.20 9.86
CA PHE A 80 7.67 1.46 8.57
C PHE A 80 9.00 0.71 8.48
N GLU A 81 9.23 0.05 7.36
CA GLU A 81 10.49 -0.68 7.17
C GLU A 81 11.04 -0.34 5.81
N PRO A 82 12.22 0.31 5.77
CA PRO A 82 13.03 0.72 6.93
C PRO A 82 12.45 1.94 7.68
N PRO A 83 12.98 2.25 8.88
CA PRO A 83 12.48 3.39 9.65
C PRO A 83 12.41 4.66 8.80
N LEU A 84 11.35 5.44 8.98
CA LEU A 84 11.16 6.66 8.21
C LEU A 84 11.49 7.92 8.98
N PHE A 85 12.00 8.91 8.25
CA PHE A 85 12.30 10.21 8.84
C PHE A 85 10.98 10.95 8.85
N HIS A 86 10.42 11.14 10.05
CA HIS A 86 9.16 11.83 10.24
C HIS A 86 8.97 12.00 11.74
N PRO A 87 8.45 13.15 12.18
CA PRO A 87 8.24 13.41 13.61
C PRO A 87 7.32 12.50 14.41
N ASN A 88 6.45 11.76 13.75
CA ASN A 88 5.53 10.86 14.45
C ASN A 88 5.86 9.37 14.23
N VAL A 89 7.07 9.12 13.77
CA VAL A 89 7.53 7.76 13.54
C VAL A 89 8.73 7.53 14.46
N TYR A 90 8.62 6.55 15.35
CA TYR A 90 9.73 6.26 16.27
C TYR A 90 10.94 5.75 15.51
N PRO A 91 12.13 5.88 16.12
CA PRO A 91 13.37 5.43 15.48
C PRO A 91 13.26 3.97 15.06
N SER A 92 12.50 3.19 15.84
CA SER A 92 12.30 1.78 15.53
C SER A 92 11.49 1.61 14.24
N GLY A 93 10.71 2.62 13.88
CA GLY A 93 9.92 2.53 12.66
C GLY A 93 8.44 2.47 12.96
N THR A 94 8.10 2.29 14.23
CA THR A 94 6.71 2.21 14.67
C THR A 94 6.02 3.55 14.44
N VAL A 95 4.83 3.51 13.82
CA VAL A 95 4.08 4.74 13.55
C VAL A 95 3.17 5.14 14.70
N CYS A 96 3.23 6.41 15.09
CA CYS A 96 2.44 6.95 16.18
C CYS A 96 1.14 7.57 15.62
N LEU A 97 -0.01 6.97 15.90
CA LEU A 97 -1.28 7.50 15.38
C LEU A 97 -2.46 7.17 16.30
N SER A 98 -3.43 8.09 16.37
CA SER A 98 -4.59 7.94 17.22
C SER A 98 -5.52 6.75 16.94
N ILE A 99 -5.84 6.52 15.67
CA ILE A 99 -6.71 5.40 15.32
C ILE A 99 -6.04 4.04 15.51
N LEU A 100 -4.75 4.04 15.87
CA LEU A 100 -4.01 2.81 16.10
C LEU A 100 -3.84 2.58 17.60
N GLU A 101 -4.64 3.27 18.39
CA GLU A 101 -4.58 3.14 19.84
C GLU A 101 -5.91 2.68 20.43
N GLU A 102 -5.86 1.52 21.09
CA GLU A 102 -7.03 0.90 21.71
C GLU A 102 -7.65 1.82 22.76
N ASP A 103 -6.79 2.43 23.55
CA ASP A 103 -7.20 3.35 24.61
C ASP A 103 -7.66 4.70 24.04
N LYS A 104 -7.69 4.82 22.72
CA LYS A 104 -8.11 6.09 22.10
C LYS A 104 -9.10 5.97 20.95
N ASP A 105 -8.72 6.48 19.78
CA ASP A 105 -9.61 6.50 18.61
C ASP A 105 -9.79 5.25 17.76
N TRP A 106 -9.23 4.11 18.18
CA TRP A 106 -9.42 2.87 17.42
C TRP A 106 -10.79 2.22 17.64
N ARG A 107 -11.43 1.81 16.56
CA ARG A 107 -12.72 1.14 16.62
C ARG A 107 -12.55 -0.14 15.81
N PRO A 108 -13.10 -1.27 16.29
CA PRO A 108 -12.98 -2.54 15.57
C PRO A 108 -13.40 -2.45 14.10
N ALA A 109 -14.30 -1.53 13.79
CA ALA A 109 -14.80 -1.36 12.44
C ALA A 109 -13.84 -0.70 11.44
N ILE A 110 -12.75 -0.11 11.94
CA ILE A 110 -11.77 0.57 11.08
C ILE A 110 -11.07 -0.39 10.13
N THR A 111 -11.11 -0.06 8.85
CA THR A 111 -10.51 -0.89 7.81
C THR A 111 -9.02 -0.64 7.59
N ILE A 112 -8.39 -1.53 6.82
CA ILE A 112 -6.97 -1.39 6.51
C ILE A 112 -6.81 -0.18 5.58
N LYS A 113 -7.80 0.05 4.75
CA LYS A 113 -7.82 1.18 3.83
C LYS A 113 -7.81 2.46 4.65
N GLN A 114 -8.60 2.49 5.73
CA GLN A 114 -8.69 3.65 6.61
C GLN A 114 -7.36 3.86 7.34
N ILE A 115 -6.76 2.77 7.80
CA ILE A 115 -5.48 2.86 8.49
C ILE A 115 -4.42 3.40 7.52
N LEU A 116 -4.32 2.79 6.34
CA LEU A 116 -3.32 3.23 5.37
C LEU A 116 -3.53 4.66 4.89
N LEU A 117 -4.78 5.06 4.71
CA LEU A 117 -5.07 6.42 4.28
C LEU A 117 -4.79 7.36 5.45
N GLY A 118 -4.96 6.86 6.67
CA GLY A 118 -4.73 7.68 7.85
C GLY A 118 -3.25 7.96 8.00
N ILE A 119 -2.45 6.94 7.74
CA ILE A 119 -1.01 7.10 7.84
C ILE A 119 -0.52 7.99 6.71
N GLN A 120 -1.11 7.86 5.52
CA GLN A 120 -0.70 8.72 4.40
C GLN A 120 -0.94 10.20 4.66
N GLU A 121 -1.98 10.52 5.42
CA GLU A 121 -2.27 11.91 5.70
C GLU A 121 -1.29 12.43 6.75
N LEU A 122 -0.91 11.55 7.67
CA LEU A 122 0.04 11.89 8.73
C LEU A 122 1.39 12.32 8.15
N LEU A 123 1.80 11.71 7.05
CA LEU A 123 3.08 12.05 6.42
C LEU A 123 3.30 13.54 6.23
N ASN A 124 2.38 14.21 5.53
CA ASN A 124 2.54 15.64 5.28
C ASN A 124 1.88 16.53 6.30
N GLU A 125 1.08 15.93 7.18
CA GLU A 125 0.42 16.69 8.22
C GLU A 125 0.80 16.09 9.57
N PRO A 126 2.07 16.22 9.97
CA PRO A 126 2.50 15.65 11.27
C PRO A 126 1.86 16.32 12.48
N ASN A 127 2.04 15.70 13.65
CA ASN A 127 1.50 16.20 14.90
C ASN A 127 2.66 16.57 15.84
N ILE A 128 3.09 17.83 15.77
CA ILE A 128 4.21 18.28 16.59
C ILE A 128 3.91 18.31 18.07
N GLN A 129 2.63 18.20 18.42
CA GLN A 129 2.26 18.20 19.82
C GLN A 129 2.79 16.93 20.44
N ASP A 130 2.76 15.84 19.66
CA ASP A 130 3.20 14.55 20.14
C ASP A 130 4.22 13.82 19.27
N PRO A 131 5.48 14.30 19.28
CA PRO A 131 6.60 13.75 18.50
C PRO A 131 7.06 12.38 19.01
N ALA A 132 7.38 11.49 18.08
CA ALA A 132 7.85 10.15 18.40
C ALA A 132 9.37 10.08 18.30
N GLN A 133 9.94 10.89 17.41
CA GLN A 133 11.39 10.96 17.32
C GLN A 133 11.89 12.39 17.52
N ALA A 134 13.08 12.49 18.10
CA ALA A 134 13.68 13.79 18.41
C ALA A 134 14.19 14.53 17.19
N GLU A 135 14.95 13.83 16.35
CA GLU A 135 15.53 14.47 15.19
C GLU A 135 14.53 15.12 14.24
N ALA A 136 13.65 14.35 13.61
CA ALA A 136 12.68 14.92 12.67
C ALA A 136 11.89 16.06 13.31
N TYR A 137 11.54 15.89 14.58
CA TYR A 137 10.80 16.91 15.31
C TYR A 137 11.60 18.20 15.39
N THR A 138 12.81 18.11 15.94
CA THR A 138 13.67 19.27 16.10
C THR A 138 13.90 20.02 14.79
N ILE A 139 14.14 19.29 13.71
CA ILE A 139 14.36 19.92 12.41
C ILE A 139 13.09 20.60 11.92
N TYR A 140 11.96 19.90 12.02
CA TYR A 140 10.68 20.45 11.59
C TYR A 140 10.41 21.78 12.31
N CYS A 141 10.67 21.79 13.61
CA CYS A 141 10.46 22.96 14.44
C CYS A 141 11.50 24.08 14.35
N GLN A 142 12.73 23.73 14.01
CA GLN A 142 13.80 24.73 13.95
C GLN A 142 14.25 25.15 12.56
N ASN A 143 13.96 24.35 11.54
CA ASN A 143 14.41 24.66 10.19
C ASN A 143 13.59 23.89 9.17
N ARG A 144 12.38 24.38 8.88
CA ARG A 144 11.48 23.71 7.95
C ARG A 144 12.04 23.61 6.53
N VAL A 145 12.91 24.53 6.14
CA VAL A 145 13.50 24.48 4.80
C VAL A 145 14.37 23.23 4.74
N GLU A 146 15.09 22.98 5.83
CA GLU A 146 15.96 21.81 5.91
C GLU A 146 15.12 20.53 6.02
N TYR A 147 13.99 20.65 6.72
CA TYR A 147 13.09 19.53 6.90
C TYR A 147 12.56 19.08 5.54
N GLU A 148 12.29 20.04 4.67
CA GLU A 148 11.77 19.76 3.33
C GLU A 148 12.78 19.04 2.44
N LYS A 149 14.06 19.38 2.58
CA LYS A 149 15.11 18.77 1.79
C LYS A 149 15.21 17.30 2.17
N ARG A 150 15.24 17.05 3.47
CA ARG A 150 15.34 15.69 3.99
C ARG A 150 14.17 14.84 3.48
N VAL A 151 12.97 15.41 3.59
CA VAL A 151 11.79 14.70 3.13
C VAL A 151 11.87 14.46 1.63
N ARG A 152 12.16 15.51 0.86
CA ARG A 152 12.28 15.33 -0.59
C ARG A 152 13.34 14.29 -0.92
N ALA A 153 14.46 14.36 -0.21
CA ALA A 153 15.56 13.42 -0.42
C ALA A 153 15.09 11.99 -0.11
N GLN A 154 14.32 11.84 0.96
CA GLN A 154 13.79 10.54 1.35
C GLN A 154 12.79 10.05 0.29
N ALA A 155 11.96 10.94 -0.23
CA ALA A 155 10.96 10.56 -1.24
C ALA A 155 11.65 10.08 -2.50
N LYS A 156 12.76 10.72 -2.85
CA LYS A 156 13.52 10.35 -4.03
C LYS A 156 14.21 9.01 -3.82
N LYS A 157 14.73 8.78 -2.62
CA LYS A 157 15.41 7.53 -2.28
C LYS A 157 14.45 6.33 -2.22
N PHE A 158 13.15 6.59 -2.15
CA PHE A 158 12.18 5.49 -2.09
C PHE A 158 11.18 5.56 -3.22
N ALA A 159 11.61 6.11 -4.35
CA ALA A 159 10.74 6.21 -5.52
C ALA A 159 10.75 4.86 -6.23
N PRO A 160 9.59 4.40 -6.73
CA PRO A 160 9.46 3.13 -7.44
C PRO A 160 10.50 2.96 -8.55
N SER A 161 11.39 1.99 -8.37
CA SER A 161 12.43 1.73 -9.37
C SER A 161 11.90 0.75 -10.42
N TYR B 21 -12.56 -17.43 -18.16
CA TYR B 21 -12.24 -15.99 -18.32
C TYR B 21 -12.27 -15.28 -16.96
N ILE B 22 -11.77 -14.04 -16.93
CA ILE B 22 -11.72 -13.24 -15.70
C ILE B 22 -11.92 -11.75 -15.99
N LYS B 23 -12.52 -11.04 -15.04
CA LYS B 23 -12.76 -9.62 -15.19
C LYS B 23 -11.67 -8.82 -14.46
N LEU B 24 -11.02 -7.91 -15.19
CA LEU B 24 -9.96 -7.08 -14.63
C LEU B 24 -10.23 -5.60 -14.89
N LYS B 25 -9.99 -4.76 -13.88
CA LYS B 25 -10.19 -3.32 -14.01
C LYS B 25 -8.85 -2.62 -14.09
N VAL B 26 -8.63 -1.89 -15.19
CA VAL B 26 -7.38 -1.16 -15.37
C VAL B 26 -7.58 0.33 -15.09
N ILE B 27 -6.94 0.82 -14.03
CA ILE B 27 -7.09 2.22 -13.64
C ILE B 27 -5.75 2.95 -13.64
N GLY B 28 -5.82 4.28 -13.54
CA GLY B 28 -4.62 5.10 -13.52
C GLY B 28 -4.80 6.39 -12.75
N GLN B 29 -3.73 7.17 -12.68
CA GLN B 29 -3.71 8.46 -11.97
C GLN B 29 -4.93 9.32 -12.29
N ASP B 30 -5.31 9.35 -13.57
CA ASP B 30 -6.45 10.13 -14.03
C ASP B 30 -7.79 9.44 -13.75
N SER B 31 -7.75 8.37 -12.97
CA SER B 31 -8.95 7.61 -12.61
C SER B 31 -9.63 6.93 -13.79
N SER B 32 -9.01 6.98 -14.97
CA SER B 32 -9.59 6.36 -16.16
C SER B 32 -9.95 4.90 -15.89
N GLU B 33 -11.24 4.62 -15.84
CA GLU B 33 -11.73 3.27 -15.58
C GLU B 33 -12.03 2.53 -16.88
N ILE B 34 -11.30 1.45 -17.13
CA ILE B 34 -11.50 0.64 -18.32
C ILE B 34 -11.43 -0.83 -17.91
N HIS B 35 -12.56 -1.53 -18.05
CA HIS B 35 -12.62 -2.94 -17.67
C HIS B 35 -12.26 -3.85 -18.84
N PHE B 36 -11.88 -5.09 -18.52
CA PHE B 36 -11.51 -6.08 -19.53
C PHE B 36 -11.89 -7.49 -19.11
N LYS B 37 -11.74 -8.43 -20.05
CA LYS B 37 -12.03 -9.84 -19.83
C LYS B 37 -10.97 -10.67 -20.54
N VAL B 38 -10.30 -11.54 -19.79
CA VAL B 38 -9.28 -12.42 -20.35
C VAL B 38 -9.27 -13.75 -19.64
N LYS B 39 -8.98 -14.82 -20.38
CA LYS B 39 -8.96 -16.17 -19.82
C LYS B 39 -8.01 -16.24 -18.62
N MET B 40 -8.18 -17.27 -17.81
CA MET B 40 -7.36 -17.47 -16.62
C MET B 40 -5.93 -17.91 -16.98
N THR B 41 -5.75 -18.40 -18.19
CA THR B 41 -4.42 -18.88 -18.62
C THR B 41 -3.83 -18.06 -19.76
N THR B 42 -4.65 -17.23 -20.39
CA THR B 42 -4.19 -16.40 -21.49
C THR B 42 -2.94 -15.58 -21.15
N HIS B 43 -2.09 -15.37 -22.14
CA HIS B 43 -0.85 -14.61 -21.97
C HIS B 43 -1.19 -13.15 -21.69
N LEU B 44 -0.81 -12.66 -20.51
CA LEU B 44 -1.07 -11.27 -20.13
C LEU B 44 -0.37 -10.30 -21.07
N LYS B 45 0.61 -10.80 -21.82
CA LYS B 45 1.34 -9.98 -22.77
C LYS B 45 0.35 -9.27 -23.68
N LYS B 46 -0.68 -9.99 -24.10
CA LYS B 46 -1.71 -9.45 -24.99
C LYS B 46 -2.39 -8.20 -24.45
N LEU B 47 -3.06 -8.34 -23.31
CA LEU B 47 -3.75 -7.22 -22.69
C LEU B 47 -2.83 -6.03 -22.45
N LYS B 48 -1.55 -6.32 -22.22
CA LYS B 48 -0.57 -5.28 -21.98
C LYS B 48 -0.51 -4.38 -23.22
N GLU B 49 -0.38 -5.03 -24.38
CA GLU B 49 -0.30 -4.31 -25.66
C GLU B 49 -1.68 -3.77 -26.00
N SER B 50 -2.72 -4.50 -25.59
CA SER B 50 -4.09 -4.11 -25.87
C SER B 50 -4.46 -2.75 -25.30
N TYR B 51 -4.19 -2.54 -24.02
CA TYR B 51 -4.49 -1.27 -23.37
C TYR B 51 -3.84 -0.11 -24.12
N CYS B 52 -2.55 -0.28 -24.44
CA CYS B 52 -1.80 0.76 -25.16
C CYS B 52 -2.50 1.07 -26.48
N GLN B 53 -3.11 0.05 -27.06
CA GLN B 53 -3.83 0.18 -28.32
C GLN B 53 -5.16 0.89 -28.09
N ARG B 54 -5.95 0.38 -27.15
CA ARG B 54 -7.25 0.97 -26.83
C ARG B 54 -7.03 2.45 -26.58
N GLN B 55 -6.06 2.74 -25.74
CA GLN B 55 -5.70 4.11 -25.38
C GLN B 55 -5.29 4.91 -26.62
N GLY B 56 -3.99 4.91 -26.90
CA GLY B 56 -3.48 5.64 -28.05
C GLY B 56 -2.08 6.17 -27.79
N VAL B 57 -1.24 5.31 -27.23
CA VAL B 57 0.14 5.69 -26.92
C VAL B 57 1.09 4.51 -27.15
N PRO B 58 2.38 4.80 -27.37
CA PRO B 58 3.41 3.78 -27.61
C PRO B 58 3.36 2.65 -26.59
N MET B 59 3.76 1.45 -27.02
CA MET B 59 3.75 0.30 -26.13
C MET B 59 4.57 0.56 -24.87
N ASN B 60 5.87 0.80 -25.04
CA ASN B 60 6.75 1.06 -23.90
C ASN B 60 6.61 2.48 -23.34
N SER B 61 5.37 2.96 -23.26
CA SER B 61 5.10 4.29 -22.72
C SER B 61 4.25 4.12 -21.47
N LEU B 62 3.89 2.87 -21.17
CA LEU B 62 3.08 2.54 -20.01
C LEU B 62 3.61 1.33 -19.25
N ARG B 63 3.49 1.39 -17.92
CA ARG B 63 3.94 0.32 -17.04
C ARG B 63 2.74 -0.22 -16.26
N PHE B 64 2.60 -1.55 -16.22
CA PHE B 64 1.48 -2.18 -15.53
C PHE B 64 1.86 -2.88 -14.24
N LEU B 65 1.19 -2.52 -13.15
CA LEU B 65 1.46 -3.11 -11.85
C LEU B 65 0.27 -3.85 -11.25
N PHE B 66 0.59 -4.82 -10.39
CA PHE B 66 -0.41 -5.63 -9.71
C PHE B 66 0.16 -6.12 -8.38
N GLU B 67 -0.51 -5.77 -7.28
CA GLU B 67 -0.06 -6.17 -5.94
C GLU B 67 1.32 -5.58 -5.69
N GLY B 68 1.64 -4.49 -6.40
CA GLY B 68 2.93 -3.86 -6.24
C GLY B 68 3.90 -4.29 -7.34
N GLN B 69 4.10 -5.59 -7.48
CA GLN B 69 4.99 -6.13 -8.51
C GLN B 69 4.58 -5.72 -9.92
N ARG B 70 5.56 -5.50 -10.78
CA ARG B 70 5.32 -5.11 -12.16
C ARG B 70 4.88 -6.35 -12.95
N ILE B 71 3.90 -6.17 -13.83
CA ILE B 71 3.40 -7.29 -14.62
C ILE B 71 4.25 -7.55 -15.87
N ALA B 72 4.77 -8.77 -15.99
CA ALA B 72 5.58 -9.16 -17.13
C ALA B 72 4.67 -9.76 -18.20
N ASP B 73 5.10 -9.66 -19.45
CA ASP B 73 4.33 -10.18 -20.57
C ASP B 73 4.02 -11.67 -20.46
N ASN B 74 5.06 -12.46 -20.26
CA ASN B 74 4.92 -13.91 -20.14
C ASN B 74 4.21 -14.38 -18.88
N HIS B 75 3.64 -13.45 -18.11
CA HIS B 75 2.95 -13.82 -16.88
C HIS B 75 1.56 -14.37 -17.18
N THR B 76 1.00 -15.09 -16.21
CA THR B 76 -0.32 -15.67 -16.37
C THR B 76 -1.22 -15.35 -15.19
N PRO B 77 -2.48 -14.95 -15.46
CA PRO B 77 -3.42 -14.61 -14.39
C PRO B 77 -3.52 -15.71 -13.34
N LYS B 78 -3.24 -16.95 -13.75
CA LYS B 78 -3.27 -18.09 -12.85
C LYS B 78 -2.02 -18.07 -11.98
N GLU B 79 -0.93 -17.55 -12.54
CA GLU B 79 0.33 -17.45 -11.82
C GLU B 79 0.25 -16.33 -10.77
N LEU B 80 -0.37 -15.22 -11.16
CA LEU B 80 -0.52 -14.08 -10.26
C LEU B 80 -1.67 -14.27 -9.28
N GLY B 81 -2.43 -15.35 -9.48
CA GLY B 81 -3.54 -15.64 -8.60
C GLY B 81 -4.63 -14.60 -8.64
N MET B 82 -4.77 -13.91 -9.77
CA MET B 82 -5.79 -12.88 -9.92
C MET B 82 -7.20 -13.46 -9.83
N GLU B 83 -8.18 -12.58 -9.61
CA GLU B 83 -9.57 -12.99 -9.48
C GLU B 83 -10.52 -11.94 -10.06
N GLU B 84 -11.81 -12.27 -10.08
CA GLU B 84 -12.83 -11.36 -10.62
C GLU B 84 -12.82 -10.00 -9.95
N GLU B 85 -13.15 -8.97 -10.73
CA GLU B 85 -13.21 -7.59 -10.25
C GLU B 85 -11.86 -7.04 -9.80
N ASP B 86 -10.80 -7.84 -9.97
CA ASP B 86 -9.46 -7.40 -9.56
C ASP B 86 -9.08 -6.09 -10.27
N VAL B 87 -8.05 -5.44 -9.77
CA VAL B 87 -7.59 -4.18 -10.35
C VAL B 87 -6.13 -4.21 -10.74
N ILE B 88 -5.82 -3.51 -11.82
CA ILE B 88 -4.46 -3.42 -12.35
C ILE B 88 -4.16 -1.95 -12.59
N GLU B 89 -3.17 -1.41 -11.86
CA GLU B 89 -2.81 -0.02 -11.99
C GLU B 89 -1.85 0.17 -13.17
N VAL B 90 -1.95 1.33 -13.82
CA VAL B 90 -1.09 1.63 -14.96
C VAL B 90 -0.40 2.98 -14.79
N TYR B 91 0.93 2.98 -14.91
CA TYR B 91 1.69 4.21 -14.77
C TYR B 91 2.48 4.47 -16.04
N GLN B 92 2.51 5.72 -16.49
CA GLN B 92 3.25 6.07 -17.68
C GLN B 92 4.70 5.61 -17.51
N GLU B 93 5.11 4.67 -18.36
CA GLU B 93 6.46 4.14 -18.30
C GLU B 93 7.49 5.27 -18.38
N GLN B 94 8.52 5.19 -17.55
CA GLN B 94 9.57 6.19 -17.53
C GLN B 94 10.94 5.52 -17.70
#